data_6RA7
#
_entry.id   6RA7
#
_cell.length_a   48.916
_cell.length_b   53.667
_cell.length_c   127.927
_cell.angle_alpha   90.00
_cell.angle_beta   90.00
_cell.angle_gamma   90.00
#
_symmetry.space_group_name_H-M   'P 21 21 21'
#
loop_
_entity.id
_entity.type
_entity.pdbx_description
1 polymer 'TRAF2 and NCK-interacting protein kinase'
2 non-polymer 1,2-ETHANEDIOL
3 non-polymer 'MAGNESIUM ION'
4 non-polymer 2-[8-azanyl-2-(2-fluoranylpyridin-4-yl)-1,7-naphthyridin-5-yl]propan-2-ol
5 water water
#
_entity_poly.entity_id   1
_entity_poly.type   'polypeptide(L)'
_entity_poly.pdbx_seq_one_letter_code
;GSDEIDLSALRDPAGIFELVELVGNGTYGQVYKGRHVKTGQLAAIKVMDVTGDEEEEIKQEINMLKKYSHHRNIATYYGA
FIKKNPPGMDDQLWLVMEFCGAGSVTDLIKNTKGNTLKEEWIAYICREILRGLSHLHQHKVIHRDIKGQNVLLTENAEVK
LVDFGVSAQLDR(TPO)VGRRN(TPO)FIGTPYWMAPEVIACDENPDATYDFKSDLWSLGITAIEMAEGAPPLCDMHPMR
ALFLIPRNPAPRLKSKKWSKKFQSFIESCLVKNHSQRPATEQLMKHPFIRDQPNERQVRIQLKDHIDRTKKKRG
;
_entity_poly.pdbx_strand_id   A
#
loop_
_chem_comp.id
_chem_comp.type
_chem_comp.name
_chem_comp.formula
EDO non-polymer 1,2-ETHANEDIOL 'C2 H6 O2'
JWK non-polymer 2-[8-azanyl-2-(2-fluoranylpyridin-4-yl)-1,7-naphthyridin-5-yl]propan-2-ol 'C16 H15 F N4 O'
MG non-polymer 'MAGNESIUM ION' 'Mg 2'
#
# COMPACT_ATOMS: atom_id res chain seq x y z
N ILE A 5 -9.70 -4.95 21.92
CA ILE A 5 -9.75 -6.36 21.56
C ILE A 5 -9.15 -7.27 22.64
N ASP A 6 -9.55 -8.56 22.64
CA ASP A 6 -9.08 -9.54 23.61
C ASP A 6 -8.20 -10.61 22.95
N LEU A 7 -6.86 -10.44 23.07
CA LEU A 7 -5.86 -11.35 22.52
C LEU A 7 -5.92 -12.75 23.14
N SER A 8 -6.35 -12.82 24.42
CA SER A 8 -6.52 -14.07 25.18
C SER A 8 -7.66 -14.94 24.64
N ALA A 9 -8.64 -14.31 23.96
CA ALA A 9 -9.79 -14.97 23.36
C ALA A 9 -9.46 -15.63 22.01
N LEU A 10 -8.29 -15.29 21.42
CA LEU A 10 -7.89 -15.85 20.14
C LEU A 10 -7.49 -17.32 20.22
N ARG A 11 -7.88 -18.07 19.18
CA ARG A 11 -7.60 -19.49 19.07
C ARG A 11 -6.18 -19.77 18.58
N ASP A 12 -5.64 -20.95 18.90
CA ASP A 12 -4.36 -21.41 18.40
C ASP A 12 -4.62 -21.81 16.94
N PRO A 13 -3.70 -21.57 15.97
CA PRO A 13 -4.04 -21.91 14.58
C PRO A 13 -3.92 -23.37 14.15
N ALA A 14 -3.36 -24.25 14.99
CA ALA A 14 -3.17 -25.66 14.61
C ALA A 14 -4.46 -26.28 14.08
N GLY A 15 -4.38 -26.93 12.93
CA GLY A 15 -5.54 -27.56 12.31
C GLY A 15 -6.45 -26.58 11.59
N ILE A 16 -6.12 -25.26 11.61
CA ILE A 16 -6.94 -24.26 10.93
C ILE A 16 -6.06 -23.66 9.81
N PHE A 17 -4.91 -23.00 10.16
CA PHE A 17 -3.99 -22.46 9.15
C PHE A 17 -2.60 -22.97 9.44
N GLU A 18 -1.79 -23.13 8.37
CA GLU A 18 -0.39 -23.56 8.45
C GLU A 18 0.46 -22.65 7.60
N LEU A 19 1.69 -22.41 8.05
CA LEU A 19 2.65 -21.61 7.31
C LEU A 19 3.31 -22.48 6.25
N VAL A 20 3.43 -21.98 5.02
CA VAL A 20 4.03 -22.69 3.88
C VAL A 20 5.47 -22.20 3.65
N GLU A 21 5.65 -20.88 3.50
CA GLU A 21 7.00 -20.35 3.27
C GLU A 21 7.03 -18.85 3.49
N LEU A 22 8.19 -18.34 3.85
CA LEU A 22 8.34 -16.91 3.96
C LEU A 22 8.16 -16.30 2.55
N VAL A 23 7.47 -15.16 2.45
CA VAL A 23 7.27 -14.53 1.13
C VAL A 23 8.36 -13.54 0.81
N GLY A 24 8.41 -13.20 -0.49
CA GLY A 24 9.23 -12.16 -1.05
C GLY A 24 10.65 -12.06 -0.54
N ASN A 25 11.26 -13.22 -0.20
CA ASN A 25 12.64 -13.28 0.25
C ASN A 25 12.93 -12.36 1.47
N GLY A 26 11.92 -12.16 2.30
CA GLY A 26 12.05 -11.31 3.47
C GLY A 26 11.80 -9.83 3.28
N THR A 27 11.40 -9.41 2.07
CA THR A 27 11.14 -8.00 1.75
C THR A 27 10.07 -7.37 2.69
N TYR A 28 9.11 -8.17 3.16
CA TYR A 28 8.06 -7.70 4.04
C TYR A 28 8.24 -8.12 5.47
N GLY A 29 9.43 -8.56 5.81
CA GLY A 29 9.62 -9.10 7.15
C GLY A 29 8.90 -10.43 7.29
N GLN A 30 8.36 -10.68 8.48
CA GLN A 30 7.80 -11.98 8.79
C GLN A 30 6.36 -12.12 8.27
N VAL A 31 6.25 -12.19 6.94
CA VAL A 31 5.00 -12.44 6.24
C VAL A 31 5.18 -13.74 5.48
N TYR A 32 4.19 -14.64 5.59
CA TYR A 32 4.28 -15.97 5.03
C TYR A 32 3.15 -16.25 4.08
N LYS A 33 3.39 -17.08 3.11
CA LYS A 33 2.34 -17.76 2.37
C LYS A 33 1.86 -18.85 3.33
N GLY A 34 0.56 -18.89 3.57
CA GLY A 34 -0.11 -19.85 4.44
C GLY A 34 -1.19 -20.58 3.69
N ARG A 35 -1.79 -21.56 4.35
CA ARG A 35 -2.85 -22.30 3.72
C ARG A 35 -3.83 -22.79 4.77
N HIS A 36 -5.12 -22.80 4.43
CA HIS A 36 -6.13 -23.36 5.32
C HIS A 36 -5.98 -24.89 5.25
N VAL A 37 -5.83 -25.53 6.42
CA VAL A 37 -5.54 -26.96 6.58
C VAL A 37 -6.62 -27.87 5.97
N LYS A 38 -7.89 -27.43 6.03
CA LYS A 38 -9.03 -28.19 5.54
C LYS A 38 -9.33 -27.96 4.06
N THR A 39 -9.43 -26.68 3.63
CA THR A 39 -9.83 -26.32 2.28
C THR A 39 -8.70 -26.15 1.27
N GLY A 40 -7.49 -25.87 1.78
CA GLY A 40 -6.36 -25.60 0.91
C GLY A 40 -6.30 -24.17 0.42
N GLN A 41 -7.24 -23.31 0.88
CA GLN A 41 -7.28 -21.92 0.48
C GLN A 41 -5.98 -21.23 0.90
N LEU A 42 -5.38 -20.47 0.00
CA LEU A 42 -4.15 -19.74 0.34
C LEU A 42 -4.44 -18.51 1.12
N ALA A 43 -3.45 -18.08 1.90
CA ALA A 43 -3.57 -16.85 2.68
C ALA A 43 -2.20 -16.26 2.85
N ALA A 44 -2.12 -14.96 3.13
CA ALA A 44 -0.89 -14.34 3.61
C ALA A 44 -1.04 -14.21 5.09
N ILE A 45 0.03 -14.56 5.83
CA ILE A 45 -0.03 -14.57 7.29
C ILE A 45 1.11 -13.73 7.81
N LYS A 46 0.81 -12.64 8.51
CA LYS A 46 1.82 -11.80 9.15
C LYS A 46 2.00 -12.28 10.58
N VAL A 47 3.24 -12.57 10.97
CA VAL A 47 3.59 -13.12 12.27
C VAL A 47 4.30 -12.08 13.09
N MET A 48 3.82 -11.82 14.32
CA MET A 48 4.53 -10.85 15.18
C MET A 48 4.52 -11.28 16.63
N ASP A 49 5.52 -10.82 17.38
CA ASP A 49 5.56 -11.11 18.80
C ASP A 49 4.64 -10.14 19.50
N VAL A 50 3.92 -10.61 20.54
CA VAL A 50 3.06 -9.71 21.29
C VAL A 50 3.80 -9.27 22.54
N THR A 51 4.44 -8.10 22.42
CA THR A 51 5.17 -7.44 23.49
C THR A 51 4.21 -6.37 24.00
N GLY A 52 4.30 -6.07 25.30
CA GLY A 52 3.46 -5.07 25.94
C GLY A 52 3.65 -3.65 25.43
N ASP A 53 4.76 -3.40 24.71
CA ASP A 53 5.14 -2.09 24.15
C ASP A 53 4.46 -1.73 22.82
N GLU A 54 4.04 -2.75 22.03
CA GLU A 54 3.39 -2.53 20.74
C GLU A 54 1.87 -2.81 20.75
N GLU A 55 1.25 -2.81 21.94
CA GLU A 55 -0.18 -3.09 22.12
C GLU A 55 -1.08 -2.16 21.29
N GLU A 56 -0.83 -0.84 21.33
CA GLU A 56 -1.61 0.15 20.59
C GLU A 56 -1.52 -0.03 19.08
N GLU A 57 -0.31 -0.34 18.58
CA GLU A 57 -0.07 -0.57 17.16
C GLU A 57 -0.74 -1.86 16.69
N ILE A 58 -0.68 -2.92 17.50
CA ILE A 58 -1.31 -4.21 17.17
C ILE A 58 -2.82 -4.02 17.11
N LYS A 59 -3.38 -3.30 18.09
CA LYS A 59 -4.83 -3.05 18.13
C LYS A 59 -5.29 -2.22 16.94
N GLN A 60 -4.53 -1.18 16.57
CA GLN A 60 -4.86 -0.35 15.42
C GLN A 60 -4.90 -1.22 14.15
N GLU A 61 -3.90 -2.08 13.95
CA GLU A 61 -3.84 -2.92 12.77
C GLU A 61 -4.97 -3.95 12.71
N ILE A 62 -5.27 -4.65 13.81
CA ILE A 62 -6.38 -5.61 13.82
C ILE A 62 -7.70 -4.87 13.57
N ASN A 63 -7.91 -3.69 14.18
CA ASN A 63 -9.14 -2.95 13.99
C ASN A 63 -9.32 -2.53 12.56
N MET A 64 -8.26 -2.10 11.90
CA MET A 64 -8.41 -1.74 10.51
C MET A 64 -8.77 -2.94 9.66
N LEU A 65 -8.08 -4.04 9.89
CA LEU A 65 -8.33 -5.28 9.14
C LEU A 65 -9.77 -5.77 9.36
N LYS A 66 -10.23 -5.76 10.60
CA LYS A 66 -11.55 -6.27 10.90
C LYS A 66 -12.65 -5.39 10.34
N LYS A 67 -12.45 -4.07 10.38
CA LYS A 67 -13.51 -3.17 9.98
C LYS A 67 -13.54 -2.81 8.53
N TYR A 68 -12.36 -2.68 7.89
CA TYR A 68 -12.35 -2.04 6.58
C TYR A 68 -11.85 -2.86 5.45
N SER A 69 -11.26 -4.02 5.72
CA SER A 69 -10.62 -4.76 4.63
C SER A 69 -11.56 -5.54 3.77
N HIS A 70 -12.87 -5.54 4.05
CA HIS A 70 -13.85 -6.21 3.20
C HIS A 70 -13.88 -5.57 1.79
N HIS A 71 -13.48 -4.29 1.67
CA HIS A 71 -13.57 -3.58 0.41
C HIS A 71 -12.77 -4.32 -0.67
N ARG A 72 -13.24 -4.29 -1.92
CA ARG A 72 -12.62 -5.02 -3.02
C ARG A 72 -11.21 -4.55 -3.35
N ASN A 73 -10.81 -3.36 -2.94
CA ASN A 73 -9.45 -2.91 -3.22
C ASN A 73 -8.52 -2.98 -2.00
N ILE A 74 -8.88 -3.81 -1.02
N ILE A 74 -8.95 -3.75 -0.96
CA ILE A 74 -8.01 -4.04 0.12
CA ILE A 74 -8.18 -4.00 0.26
C ILE A 74 -7.96 -5.54 0.29
C ILE A 74 -8.02 -5.53 0.40
N ALA A 75 -6.79 -6.07 0.63
CA ALA A 75 -6.66 -7.53 0.86
C ALA A 75 -7.48 -7.89 2.11
N THR A 76 -8.43 -8.82 1.93
CA THR A 76 -9.42 -9.09 2.98
C THR A 76 -8.85 -9.85 4.16
N TYR A 77 -9.20 -9.39 5.36
CA TYR A 77 -8.84 -10.07 6.60
C TYR A 77 -9.66 -11.34 6.78
N TYR A 78 -8.97 -12.41 7.22
CA TYR A 78 -9.59 -13.72 7.51
C TYR A 78 -9.61 -14.04 8.99
N GLY A 79 -8.88 -13.32 9.78
CA GLY A 79 -8.89 -13.58 11.21
C GLY A 79 -7.52 -13.58 11.83
N ALA A 80 -7.46 -13.69 13.16
CA ALA A 80 -6.23 -13.65 13.96
C ALA A 80 -6.12 -14.85 14.86
N PHE A 81 -4.89 -15.30 15.12
CA PHE A 81 -4.60 -16.46 15.93
C PHE A 81 -3.44 -16.14 16.82
N ILE A 82 -3.37 -16.90 17.93
CA ILE A 82 -2.31 -16.73 18.91
C ILE A 82 -1.63 -18.04 19.19
N LYS A 83 -0.30 -18.03 19.20
CA LYS A 83 0.49 -19.20 19.61
C LYS A 83 0.98 -18.79 20.99
N LYS A 84 0.45 -19.43 22.04
CA LYS A 84 0.81 -19.10 23.40
C LYS A 84 2.13 -19.73 23.78
N ASN A 85 2.99 -18.95 24.38
CA ASN A 85 4.27 -19.44 24.86
C ASN A 85 4.30 -19.35 26.39
N PRO A 86 5.13 -20.17 27.09
CA PRO A 86 5.11 -20.17 28.55
C PRO A 86 5.38 -18.82 29.22
N PRO A 87 5.05 -18.63 30.53
CA PRO A 87 5.32 -17.33 31.18
C PRO A 87 6.78 -16.86 31.02
N GLY A 88 6.94 -15.56 30.78
CA GLY A 88 8.23 -14.94 30.55
C GLY A 88 8.60 -14.88 29.07
N MET A 89 7.93 -15.70 28.25
CA MET A 89 8.14 -15.80 26.81
C MET A 89 6.99 -15.11 26.09
N ASP A 90 7.29 -14.34 25.03
CA ASP A 90 6.29 -13.62 24.27
C ASP A 90 5.41 -14.55 23.45
N ASP A 91 4.11 -14.25 23.39
CA ASP A 91 3.21 -15.04 22.53
C ASP A 91 3.37 -14.50 21.11
N GLN A 92 2.98 -15.30 20.13
CA GLN A 92 3.05 -14.91 18.74
C GLN A 92 1.66 -14.71 18.22
N LEU A 93 1.47 -13.66 17.45
CA LEU A 93 0.19 -13.35 16.84
C LEU A 93 0.30 -13.56 15.34
N TRP A 94 -0.70 -14.22 14.78
CA TRP A 94 -0.84 -14.37 13.33
C TRP A 94 -2.02 -13.55 12.86
N LEU A 95 -1.81 -12.72 11.86
CA LEU A 95 -2.87 -11.96 11.18
C LEU A 95 -3.00 -12.58 9.79
N VAL A 96 -4.16 -13.13 9.47
CA VAL A 96 -4.38 -13.90 8.27
C VAL A 96 -5.24 -13.11 7.30
N MET A 97 -4.87 -13.09 6.02
CA MET A 97 -5.60 -12.33 5.03
C MET A 97 -5.49 -12.97 3.66
N GLU A 98 -6.25 -12.42 2.71
CA GLU A 98 -6.27 -12.87 1.35
C GLU A 98 -4.87 -12.88 0.73
N PHE A 99 -4.53 -13.95 0.01
CA PHE A 99 -3.25 -14.05 -0.68
C PHE A 99 -3.34 -13.43 -2.06
N CYS A 100 -2.49 -12.45 -2.33
CA CYS A 100 -2.50 -11.76 -3.63
C CYS A 100 -1.37 -12.33 -4.45
N GLY A 101 -1.68 -13.44 -5.10
CA GLY A 101 -0.73 -14.33 -5.73
C GLY A 101 0.13 -13.79 -6.84
N ALA A 102 -0.29 -12.69 -7.48
CA ALA A 102 0.49 -12.14 -8.57
C ALA A 102 1.57 -11.16 -8.11
N GLY A 103 1.71 -10.93 -6.80
CA GLY A 103 2.77 -10.08 -6.30
C GLY A 103 2.48 -8.59 -6.29
N SER A 104 3.51 -7.80 -6.05
CA SER A 104 3.33 -6.38 -5.88
C SER A 104 3.45 -5.59 -7.18
N VAL A 105 3.09 -4.31 -7.12
CA VAL A 105 3.34 -3.41 -8.24
C VAL A 105 4.86 -3.25 -8.42
N THR A 106 5.64 -3.23 -7.33
CA THR A 106 7.10 -3.11 -7.47
C THR A 106 7.62 -4.29 -8.31
N ASP A 107 7.11 -5.50 -8.04
CA ASP A 107 7.48 -6.71 -8.80
C ASP A 107 7.04 -6.60 -10.25
N LEU A 108 5.84 -6.05 -10.51
CA LEU A 108 5.35 -5.89 -11.86
C LEU A 108 6.30 -4.99 -12.66
N ILE A 109 6.76 -3.91 -12.07
CA ILE A 109 7.71 -3.02 -12.71
C ILE A 109 9.03 -3.73 -12.96
N LYS A 110 9.55 -4.45 -11.96
CA LYS A 110 10.83 -5.16 -12.09
C LYS A 110 10.74 -6.20 -13.23
N ASN A 111 9.59 -6.81 -13.44
CA ASN A 111 9.38 -7.88 -14.42
C ASN A 111 8.87 -7.39 -15.78
N THR A 112 8.87 -6.07 -15.99
CA THR A 112 8.46 -5.50 -17.26
C THR A 112 9.69 -4.92 -17.96
N LYS A 113 9.80 -5.16 -19.28
CA LYS A 113 10.92 -4.66 -20.06
C LYS A 113 11.04 -3.13 -19.93
N GLY A 114 12.23 -2.67 -19.58
CA GLY A 114 12.50 -1.24 -19.41
C GLY A 114 12.03 -0.66 -18.10
N ASN A 115 11.46 -1.52 -17.22
CA ASN A 115 10.99 -1.10 -15.89
C ASN A 115 10.07 0.12 -15.95
N THR A 116 9.07 0.02 -16.84
CA THR A 116 8.10 1.07 -17.09
C THR A 116 6.79 0.42 -17.47
N LEU A 117 5.67 0.90 -16.91
CA LEU A 117 4.36 0.34 -17.28
C LEU A 117 3.68 1.24 -18.30
N LYS A 118 2.87 0.60 -19.17
CA LYS A 118 2.06 1.33 -20.15
C LYS A 118 1.08 2.29 -19.40
N GLU A 119 0.80 3.47 -19.94
CA GLU A 119 -0.13 4.40 -19.32
C GLU A 119 -1.46 3.78 -19.00
N GLU A 120 -2.00 2.93 -19.89
CA GLU A 120 -3.32 2.34 -19.61
C GLU A 120 -3.28 1.45 -18.39
N TRP A 121 -2.15 0.78 -18.15
CA TRP A 121 -2.01 -0.03 -16.91
C TRP A 121 -1.92 0.88 -15.67
N ILE A 122 -1.16 1.98 -15.79
CA ILE A 122 -1.03 2.91 -14.69
C ILE A 122 -2.39 3.51 -14.34
N ALA A 123 -3.20 3.90 -15.34
CA ALA A 123 -4.52 4.46 -15.06
C ALA A 123 -5.40 3.45 -14.32
N TYR A 124 -5.37 2.20 -14.73
CA TYR A 124 -6.18 1.18 -14.09
C TYR A 124 -5.72 1.00 -12.65
N ILE A 125 -4.42 0.82 -12.43
CA ILE A 125 -3.92 0.57 -11.07
C ILE A 125 -4.15 1.79 -10.19
N CYS A 126 -3.91 3.02 -10.69
CA CYS A 126 -4.17 4.21 -9.87
C CYS A 126 -5.63 4.33 -9.50
N ARG A 127 -6.55 4.05 -10.45
CA ARG A 127 -7.95 4.16 -10.09
C ARG A 127 -8.28 3.17 -8.99
N GLU A 128 -7.75 1.94 -9.05
CA GLU A 128 -8.07 0.96 -8.03
C GLU A 128 -7.49 1.39 -6.67
N ILE A 129 -6.26 1.95 -6.65
CA ILE A 129 -5.71 2.45 -5.40
C ILE A 129 -6.58 3.57 -4.89
N LEU A 130 -6.99 4.50 -5.75
CA LEU A 130 -7.84 5.60 -5.31
C LEU A 130 -9.18 5.12 -4.77
N ARG A 131 -9.75 4.08 -5.34
CA ARG A 131 -10.99 3.55 -4.77
C ARG A 131 -10.76 2.99 -3.37
N GLY A 132 -9.66 2.28 -3.17
CA GLY A 132 -9.33 1.78 -1.84
C GLY A 132 -9.08 2.91 -0.86
N LEU A 133 -8.36 3.94 -1.30
CA LEU A 133 -8.12 5.09 -0.45
C LEU A 133 -9.39 5.85 -0.16
N SER A 134 -10.29 6.02 -1.14
CA SER A 134 -11.54 6.72 -0.90
C SER A 134 -12.33 6.01 0.20
N HIS A 135 -12.38 4.68 0.17
CA HIS A 135 -13.05 3.89 1.19
C HIS A 135 -12.40 4.14 2.55
N LEU A 136 -11.06 4.11 2.61
CA LEU A 136 -10.40 4.34 3.88
C LEU A 136 -10.63 5.75 4.41
N HIS A 137 -10.51 6.75 3.53
CA HIS A 137 -10.67 8.15 3.93
C HIS A 137 -12.08 8.44 4.37
N GLN A 138 -13.04 7.79 3.75
CA GLN A 138 -14.46 7.97 4.15
C GLN A 138 -14.68 7.49 5.58
N HIS A 139 -13.89 6.51 6.02
CA HIS A 139 -13.91 5.95 7.36
C HIS A 139 -12.87 6.56 8.31
N LYS A 140 -12.30 7.71 7.89
CA LYS A 140 -11.37 8.51 8.68
C LYS A 140 -10.05 7.80 8.94
N VAL A 141 -9.65 6.95 8.00
CA VAL A 141 -8.40 6.24 8.11
C VAL A 141 -7.36 6.86 7.19
N ILE A 142 -6.11 6.98 7.64
CA ILE A 142 -4.97 7.39 6.80
C ILE A 142 -4.07 6.15 6.73
N HIS A 143 -3.76 5.67 5.54
CA HIS A 143 -2.93 4.47 5.39
C HIS A 143 -1.49 4.73 5.86
N ARG A 144 -0.88 5.81 5.34
CA ARG A 144 0.43 6.34 5.70
C ARG A 144 1.60 5.55 5.17
N ASP A 145 1.39 4.51 4.35
CA ASP A 145 2.55 3.89 3.72
C ASP A 145 2.17 3.36 2.34
N ILE A 146 1.58 4.24 1.52
CA ILE A 146 1.26 3.88 0.14
C ILE A 146 2.52 3.95 -0.71
N LYS A 147 2.79 2.86 -1.44
CA LYS A 147 3.96 2.71 -2.30
C LYS A 147 3.72 1.45 -3.09
N GLY A 148 4.50 1.24 -4.16
CA GLY A 148 4.31 0.06 -4.99
C GLY A 148 4.37 -1.26 -4.24
N GLN A 149 5.19 -1.33 -3.19
CA GLN A 149 5.35 -2.57 -2.47
C GLN A 149 4.08 -2.96 -1.71
N ASN A 150 3.21 -2.01 -1.40
CA ASN A 150 1.98 -2.25 -0.63
C ASN A 150 0.76 -2.27 -1.49
N VAL A 151 0.95 -2.32 -2.82
CA VAL A 151 -0.15 -2.46 -3.78
C VAL A 151 0.06 -3.80 -4.47
N LEU A 152 -0.84 -4.74 -4.23
CA LEU A 152 -0.69 -6.08 -4.73
C LEU A 152 -1.70 -6.42 -5.78
N LEU A 153 -1.41 -7.49 -6.53
CA LEU A 153 -2.32 -7.98 -7.54
C LEU A 153 -2.69 -9.41 -7.26
N THR A 154 -3.94 -9.77 -7.54
CA THR A 154 -4.38 -11.14 -7.46
C THR A 154 -4.09 -11.78 -8.82
N GLU A 155 -4.28 -13.10 -8.87
CA GLU A 155 -4.10 -13.83 -10.14
C GLU A 155 -5.07 -13.34 -11.23
N ASN A 156 -6.23 -12.78 -10.83
CA ASN A 156 -7.23 -12.20 -11.73
C ASN A 156 -7.02 -10.69 -11.99
N ALA A 157 -5.83 -10.15 -11.65
CA ALA A 157 -5.45 -8.77 -11.87
C ALA A 157 -6.30 -7.75 -11.12
N GLU A 158 -6.86 -8.17 -9.94
CA GLU A 158 -7.53 -7.23 -9.05
C GLU A 158 -6.41 -6.60 -8.22
N VAL A 159 -6.59 -5.34 -7.87
CA VAL A 159 -5.60 -4.53 -7.16
C VAL A 159 -6.03 -4.37 -5.73
N LYS A 160 -5.09 -4.66 -4.79
CA LYS A 160 -5.42 -4.70 -3.38
C LYS A 160 -4.35 -4.03 -2.53
N LEU A 161 -4.77 -3.22 -1.57
CA LEU A 161 -3.86 -2.59 -0.63
C LEU A 161 -3.59 -3.49 0.55
N VAL A 162 -2.35 -3.47 1.03
CA VAL A 162 -1.97 -4.19 2.24
C VAL A 162 -1.26 -3.24 3.18
N ASP A 163 -1.08 -3.74 4.41
CA ASP A 163 -0.26 -3.19 5.50
C ASP A 163 -0.86 -1.97 6.17
N PHE A 164 -1.65 -2.22 7.20
CA PHE A 164 -2.20 -1.18 8.05
C PHE A 164 -1.31 -0.95 9.29
N GLY A 165 -0.10 -1.50 9.27
CA GLY A 165 0.79 -1.44 10.42
C GLY A 165 1.17 -0.06 10.90
N VAL A 166 1.13 0.98 10.05
CA VAL A 166 1.44 2.35 10.47
C VAL A 166 0.28 3.27 10.24
N SER A 167 -0.91 2.73 10.08
CA SER A 167 -2.08 3.52 9.77
C SER A 167 -2.60 4.34 10.95
N ALA A 168 -3.45 5.30 10.66
CA ALA A 168 -4.07 6.14 11.67
C ALA A 168 -5.58 6.09 11.53
N GLN A 169 -6.30 6.13 12.65
CA GLN A 169 -7.76 6.25 12.68
C GLN A 169 -8.05 7.62 13.33
N LEU A 170 -8.65 8.55 12.56
CA LEU A 170 -9.06 9.90 13.01
C LEU A 170 -10.48 9.84 13.60
N ASP A 171 -10.87 10.91 14.29
CA ASP A 171 -12.17 11.14 14.92
C ASP A 171 -13.09 12.00 14.05
N ARG A 172 -12.51 12.80 13.12
CA ARG A 172 -13.25 13.69 12.23
C ARG A 172 -12.54 13.77 10.93
N TPO A 173 -13.26 14.08 9.83
CA TPO A 173 -12.70 14.20 8.49
CB TPO A 173 -13.83 14.62 7.49
CG2 TPO A 173 -13.35 14.64 6.03
OG1 TPO A 173 -14.88 13.59 7.63
P TPO A 173 -16.24 14.09 8.05
O1P TPO A 173 -17.19 12.88 8.09
O2P TPO A 173 -16.74 15.18 7.05
O3P TPO A 173 -16.21 14.63 9.42
C TPO A 173 -11.50 15.16 8.46
O TPO A 173 -10.52 14.88 7.78
N VAL A 174 -11.61 16.29 9.19
CA VAL A 174 -10.59 17.35 9.29
C VAL A 174 -9.52 17.07 10.37
N GLY A 175 -9.52 15.87 10.94
CA GLY A 175 -8.59 15.47 12.00
C GLY A 175 -7.15 15.47 11.52
N ARG A 176 -6.23 15.75 12.41
CA ARG A 176 -4.82 15.83 12.07
C ARG A 176 -3.95 14.90 12.87
N ARG A 177 -2.77 14.62 12.31
CA ARG A 177 -1.77 13.78 12.96
C ARG A 177 -0.42 14.45 12.91
N ASN A 178 0.53 13.99 13.71
CA ASN A 178 1.89 14.56 13.68
C ASN A 178 3.00 13.51 13.75
N TPO A 179 2.68 12.22 13.61
CA TPO A 179 3.74 11.21 13.72
CB TPO A 179 3.18 9.80 14.02
CG2 TPO A 179 4.30 8.77 14.21
OG1 TPO A 179 2.46 9.87 15.29
P TPO A 179 0.91 9.64 15.30
O1P TPO A 179 0.64 8.20 14.84
O2P TPO A 179 0.54 9.78 16.77
O3P TPO A 179 0.23 10.56 14.37
C TPO A 179 4.55 11.20 12.41
O TPO A 179 4.00 11.02 11.31
N PHE A 180 5.86 11.31 12.53
CA PHE A 180 6.75 11.20 11.39
C PHE A 180 6.89 9.70 11.11
N ILE A 181 6.27 9.25 10.02
CA ILE A 181 6.19 7.83 9.71
C ILE A 181 5.95 7.67 8.23
N GLY A 182 6.31 6.49 7.71
CA GLY A 182 6.19 6.20 6.29
C GLY A 182 7.54 5.79 5.69
N THR A 183 7.58 5.73 4.38
CA THR A 183 8.80 5.34 3.65
C THR A 183 9.31 6.60 2.94
N PRO A 184 10.53 7.05 3.26
CA PRO A 184 10.99 8.37 2.82
C PRO A 184 10.66 8.81 1.40
N TYR A 185 10.96 8.03 0.38
CA TYR A 185 10.79 8.50 -1.00
C TYR A 185 9.34 8.76 -1.34
N TRP A 186 8.41 8.15 -0.61
CA TRP A 186 6.99 8.31 -0.89
C TRP A 186 6.32 9.28 0.04
N MET A 187 7.03 9.83 1.02
CA MET A 187 6.42 10.67 2.02
C MET A 187 6.13 12.07 1.53
N ALA A 188 4.95 12.56 1.93
CA ALA A 188 4.57 13.92 1.60
C ALA A 188 5.38 14.95 2.38
N PRO A 189 5.58 16.15 1.82
CA PRO A 189 6.38 17.17 2.53
C PRO A 189 5.87 17.49 3.91
N GLU A 190 4.55 17.52 4.10
CA GLU A 190 3.99 17.86 5.41
C GLU A 190 4.21 16.76 6.46
N VAL A 191 4.42 15.50 6.02
CA VAL A 191 4.72 14.45 6.97
C VAL A 191 6.21 14.57 7.36
N ILE A 192 7.07 14.80 6.36
CA ILE A 192 8.50 14.97 6.58
C ILE A 192 8.77 16.09 7.57
N ALA A 193 7.98 17.18 7.50
CA ALA A 193 8.13 18.33 8.39
C ALA A 193 8.00 17.96 9.86
N CYS A 194 7.28 16.88 10.18
CA CYS A 194 7.07 16.47 11.58
C CYS A 194 8.31 15.93 12.24
N ASP A 195 9.35 15.57 11.49
CA ASP A 195 10.59 15.08 12.08
C ASP A 195 11.31 16.18 12.85
N GLU A 196 11.45 17.38 12.26
CA GLU A 196 12.22 18.50 12.83
C GLU A 196 11.37 19.65 13.41
N ASN A 197 10.08 19.73 13.04
CA ASN A 197 9.18 20.77 13.54
C ASN A 197 8.13 20.12 14.48
N PRO A 198 8.25 20.29 15.83
CA PRO A 198 7.26 19.67 16.74
C PRO A 198 5.83 20.20 16.62
N ASP A 199 5.64 21.34 15.94
CA ASP A 199 4.32 21.93 15.77
C ASP A 199 3.66 21.60 14.43
N ALA A 200 4.39 20.91 13.54
CA ALA A 200 3.86 20.55 12.23
C ALA A 200 2.83 19.42 12.35
N THR A 201 1.79 19.46 11.50
CA THR A 201 0.77 18.40 11.46
C THR A 201 0.37 18.12 10.02
N TYR A 202 -0.33 17.01 9.82
CA TYR A 202 -0.79 16.64 8.50
C TYR A 202 -2.13 15.97 8.60
N ASP A 203 -2.67 15.56 7.47
CA ASP A 203 -3.97 14.93 7.38
C ASP A 203 -3.99 13.80 6.34
N PHE A 204 -5.18 13.36 5.87
CA PHE A 204 -5.29 12.26 4.94
C PHE A 204 -4.73 12.58 3.56
N LYS A 205 -4.55 13.89 3.24
CA LYS A 205 -4.02 14.26 1.92
C LYS A 205 -2.64 13.68 1.69
N SER A 206 -1.92 13.33 2.76
CA SER A 206 -0.60 12.73 2.62
C SER A 206 -0.67 11.45 1.78
N ASP A 207 -1.76 10.66 1.87
CA ASP A 207 -1.88 9.46 1.07
C ASP A 207 -1.98 9.75 -0.42
N LEU A 208 -2.55 10.91 -0.79
CA LEU A 208 -2.67 11.28 -2.21
C LEU A 208 -1.31 11.68 -2.78
N TRP A 209 -0.47 12.34 -1.99
CA TRP A 209 0.89 12.60 -2.45
C TRP A 209 1.58 11.23 -2.72
N SER A 210 1.48 10.31 -1.75
CA SER A 210 2.13 8.99 -1.91
C SER A 210 1.63 8.27 -3.14
N LEU A 211 0.32 8.40 -3.42
CA LEU A 211 -0.23 7.85 -4.65
C LEU A 211 0.42 8.47 -5.90
N GLY A 212 0.60 9.79 -5.92
CA GLY A 212 1.27 10.41 -7.06
C GLY A 212 2.70 9.89 -7.23
N ILE A 213 3.42 9.70 -6.12
CA ILE A 213 4.77 9.14 -6.21
C ILE A 213 4.72 7.71 -6.74
N THR A 214 3.73 6.93 -6.32
CA THR A 214 3.55 5.57 -6.80
C THR A 214 3.27 5.57 -8.30
N ALA A 215 2.52 6.54 -8.80
CA ALA A 215 2.29 6.64 -10.25
C ALA A 215 3.60 6.94 -10.97
N ILE A 216 4.45 7.84 -10.43
CA ILE A 216 5.78 8.05 -11.02
C ILE A 216 6.62 6.77 -10.93
N GLU A 217 6.53 6.02 -9.87
CA GLU A 217 7.24 4.77 -9.70
C GLU A 217 6.84 3.81 -10.84
N MET A 218 5.54 3.72 -11.14
CA MET A 218 5.12 2.84 -12.25
C MET A 218 5.58 3.33 -13.61
N ALA A 219 5.59 4.65 -13.82
CA ALA A 219 5.97 5.22 -15.10
C ALA A 219 7.48 5.13 -15.35
N GLU A 220 8.27 5.51 -14.33
CA GLU A 220 9.73 5.64 -14.47
C GLU A 220 10.50 4.52 -13.85
N GLY A 221 9.87 3.65 -13.11
CA GLY A 221 10.51 2.49 -12.52
C GLY A 221 10.94 2.64 -11.09
N ALA A 222 10.94 3.88 -10.60
CA ALA A 222 11.40 4.16 -9.24
C ALA A 222 10.80 5.49 -8.87
N PRO A 223 10.68 5.78 -7.56
CA PRO A 223 10.20 7.10 -7.15
C PRO A 223 11.31 8.13 -7.42
N PRO A 224 10.96 9.42 -7.47
CA PRO A 224 12.02 10.44 -7.57
C PRO A 224 13.02 10.29 -6.41
N LEU A 225 14.27 10.62 -6.70
CA LEU A 225 15.37 10.64 -5.71
C LEU A 225 15.77 9.27 -5.17
N CYS A 226 15.32 8.17 -5.82
N CYS A 226 15.35 8.19 -5.86
CA CYS A 226 15.59 6.80 -5.38
CA CYS A 226 15.61 6.80 -5.48
C CYS A 226 17.10 6.46 -5.28
C CYS A 226 17.08 6.50 -5.28
N ASP A 227 17.93 7.13 -6.11
CA ASP A 227 19.39 6.95 -6.15
C ASP A 227 20.12 7.74 -5.07
N MET A 228 19.41 8.24 -4.05
CA MET A 228 20.12 8.92 -3.00
C MET A 228 19.75 8.36 -1.67
N HIS A 229 20.62 8.58 -0.70
CA HIS A 229 20.40 8.11 0.65
C HIS A 229 19.05 8.65 1.12
N PRO A 230 18.28 7.86 1.87
CA PRO A 230 16.96 8.36 2.33
C PRO A 230 17.03 9.69 3.11
N MET A 231 18.09 9.96 3.89
N MET A 231 18.08 9.96 3.89
CA MET A 231 18.20 11.23 4.60
CA MET A 231 18.15 11.25 4.61
C MET A 231 18.32 12.41 3.65
C MET A 231 18.28 12.42 3.64
N ARG A 232 18.97 12.20 2.50
CA ARG A 232 19.13 13.24 1.49
C ARG A 232 17.80 13.44 0.79
N ALA A 233 17.07 12.35 0.50
CA ALA A 233 15.75 12.53 -0.12
C ALA A 233 14.82 13.29 0.85
N LEU A 234 14.84 12.94 2.14
CA LEU A 234 14.00 13.64 3.13
C LEU A 234 14.32 15.13 3.16
N PHE A 235 15.59 15.49 3.03
CA PHE A 235 16.01 16.89 3.00
C PHE A 235 15.47 17.60 1.75
N LEU A 236 15.49 16.92 0.59
CA LEU A 236 15.12 17.55 -0.65
C LEU A 236 13.63 17.63 -0.97
N ILE A 237 12.85 16.64 -0.52
CA ILE A 237 11.43 16.63 -0.90
C ILE A 237 10.71 17.95 -0.53
N PRO A 238 10.88 18.52 0.66
CA PRO A 238 10.14 19.77 0.95
C PRO A 238 10.63 21.00 0.18
N ARG A 239 11.88 20.97 -0.34
CA ARG A 239 12.45 22.15 -0.96
C ARG A 239 12.52 22.11 -2.45
N ASN A 240 12.58 20.93 -3.06
CA ASN A 240 12.57 20.81 -4.50
C ASN A 240 11.19 21.14 -5.05
N PRO A 241 11.10 21.53 -6.33
CA PRO A 241 9.76 21.67 -6.93
C PRO A 241 9.05 20.30 -6.87
N ALA A 242 7.74 20.33 -6.87
CA ALA A 242 7.01 19.05 -6.86
C ALA A 242 7.45 18.21 -8.05
N PRO A 243 7.65 16.91 -7.86
CA PRO A 243 8.07 16.08 -8.98
C PRO A 243 7.07 16.06 -10.11
N ARG A 244 7.63 15.92 -11.33
CA ARG A 244 6.85 15.79 -12.55
C ARG A 244 7.45 14.64 -13.35
N LEU A 245 6.69 14.12 -14.31
CA LEU A 245 7.26 13.12 -15.21
C LEU A 245 8.36 13.81 -16.03
N LYS A 246 9.49 13.16 -16.15
CA LYS A 246 10.63 13.74 -16.87
C LYS A 246 10.42 13.87 -18.37
N SER A 247 9.88 12.83 -19.00
CA SER A 247 9.70 12.76 -20.44
C SER A 247 8.39 13.37 -20.89
N LYS A 248 8.42 14.03 -22.06
CA LYS A 248 7.23 14.58 -22.66
C LYS A 248 6.57 13.52 -23.54
N LYS A 249 7.06 12.24 -23.51
CA LYS A 249 6.41 11.17 -24.28
C LYS A 249 5.03 10.83 -23.73
N TRP A 250 4.84 11.04 -22.42
CA TRP A 250 3.60 10.74 -21.72
C TRP A 250 2.49 11.64 -22.21
N SER A 251 1.25 11.16 -22.16
CA SER A 251 0.13 11.99 -22.58
C SER A 251 0.03 13.22 -21.68
N LYS A 252 -0.56 14.28 -22.23
CA LYS A 252 -0.77 15.49 -21.42
C LYS A 252 -1.74 15.18 -20.27
N LYS A 253 -2.71 14.27 -20.50
CA LYS A 253 -3.67 13.81 -19.49
C LYS A 253 -2.90 13.19 -18.26
N PHE A 254 -1.92 12.31 -18.51
CA PHE A 254 -1.17 11.69 -17.42
C PHE A 254 -0.29 12.76 -16.72
N GLN A 255 0.37 13.61 -17.53
CA GLN A 255 1.17 14.69 -16.93
C GLN A 255 0.33 15.55 -15.98
N SER A 256 -0.91 15.84 -16.42
CA SER A 256 -1.87 16.62 -15.63
C SER A 256 -2.29 15.89 -14.35
N PHE A 257 -2.48 14.56 -14.41
CA PHE A 257 -2.83 13.82 -13.22
C PHE A 257 -1.71 13.92 -12.17
N ILE A 258 -0.45 13.75 -12.60
CA ILE A 258 0.69 13.82 -11.67
C ILE A 258 0.75 15.24 -11.06
N GLU A 259 0.56 16.27 -11.88
CA GLU A 259 0.53 17.67 -11.41
C GLU A 259 -0.58 17.84 -10.34
N SER A 260 -1.69 17.09 -10.44
CA SER A 260 -2.81 17.17 -9.49
C SER A 260 -2.54 16.49 -8.14
N CYS A 261 -1.94 15.28 -8.07
CA CYS A 261 -1.62 14.58 -6.80
C CYS A 261 -0.52 15.38 -6.16
N LEU A 262 0.51 15.79 -6.94
CA LEU A 262 1.72 16.27 -6.34
C LEU A 262 1.73 17.76 -6.15
N VAL A 263 0.81 18.22 -5.36
CA VAL A 263 0.75 19.61 -4.90
C VAL A 263 1.46 19.62 -3.55
N LYS A 264 2.53 20.41 -3.42
CA LYS A 264 3.28 20.39 -2.17
C LYS A 264 2.48 20.88 -1.00
N ASN A 265 1.73 22.01 -1.17
CA ASN A 265 0.92 22.55 -0.09
C ASN A 265 -0.31 21.67 0.06
N HIS A 266 -0.37 20.88 1.12
CA HIS A 266 -1.45 19.90 1.24
C HIS A 266 -2.82 20.51 1.39
N SER A 267 -2.91 21.75 1.87
CA SER A 267 -4.21 22.40 1.96
C SER A 267 -4.84 22.57 0.62
N GLN A 268 -4.02 22.65 -0.45
CA GLN A 268 -4.41 22.82 -1.84
C GLN A 268 -4.32 21.56 -2.66
N ARG A 269 -4.03 20.45 -2.01
CA ARG A 269 -3.95 19.16 -2.72
C ARG A 269 -5.37 18.56 -2.78
N PRO A 270 -5.78 18.00 -3.90
CA PRO A 270 -7.11 17.38 -3.97
C PRO A 270 -7.24 16.13 -3.11
N ALA A 271 -8.48 15.84 -2.70
CA ALA A 271 -8.85 14.58 -2.03
C ALA A 271 -9.21 13.54 -3.12
N THR A 272 -9.51 12.28 -2.71
CA THR A 272 -9.77 11.21 -3.67
C THR A 272 -10.94 11.51 -4.60
N GLU A 273 -12.04 12.07 -4.10
CA GLU A 273 -13.21 12.30 -4.96
C GLU A 273 -12.89 13.24 -6.09
N GLN A 274 -12.14 14.31 -5.80
CA GLN A 274 -11.76 15.24 -6.86
C GLN A 274 -10.79 14.57 -7.83
N LEU A 275 -9.81 13.79 -7.31
CA LEU A 275 -8.85 13.10 -8.20
C LEU A 275 -9.48 12.04 -9.09
N MET A 276 -10.52 11.38 -8.60
N MET A 276 -10.54 11.39 -8.58
CA MET A 276 -11.15 10.34 -9.41
CA MET A 276 -11.29 10.37 -9.31
C MET A 276 -11.97 10.91 -10.56
C MET A 276 -11.92 10.92 -10.57
N LYS A 277 -12.22 12.23 -10.58
CA LYS A 277 -12.86 12.90 -11.71
C LYS A 277 -11.84 13.26 -12.79
N HIS A 278 -10.53 13.17 -12.49
CA HIS A 278 -9.54 13.53 -13.46
C HIS A 278 -9.67 12.61 -14.70
N PRO A 279 -9.58 13.18 -15.93
CA PRO A 279 -9.71 12.35 -17.14
C PRO A 279 -8.77 11.13 -17.15
N PHE A 280 -7.56 11.24 -16.55
CA PHE A 280 -6.66 10.07 -16.54
C PHE A 280 -7.28 8.92 -15.81
N ILE A 281 -7.99 9.19 -14.72
CA ILE A 281 -8.61 8.16 -13.93
C ILE A 281 -9.98 7.77 -14.49
N ARG A 282 -10.78 8.78 -14.82
CA ARG A 282 -12.19 8.59 -15.22
C ARG A 282 -12.35 7.86 -16.55
N ASP A 283 -11.48 8.12 -17.51
CA ASP A 283 -11.69 7.60 -18.87
C ASP A 283 -10.84 6.40 -19.17
N GLN A 284 -11.42 5.21 -19.08
CA GLN A 284 -10.67 3.96 -19.30
C GLN A 284 -11.40 3.04 -20.26
N PRO A 285 -11.47 3.41 -21.54
CA PRO A 285 -12.21 2.57 -22.51
C PRO A 285 -11.54 1.26 -22.90
N ASN A 286 -10.33 0.99 -22.36
CA ASN A 286 -9.66 -0.26 -22.72
C ASN A 286 -9.39 -1.09 -21.49
N GLU A 287 -10.11 -0.88 -20.39
CA GLU A 287 -9.82 -1.58 -19.14
C GLU A 287 -9.98 -3.11 -19.24
N ARG A 288 -10.88 -3.60 -20.07
CA ARG A 288 -11.04 -5.06 -20.23
C ARG A 288 -9.72 -5.66 -20.78
N GLN A 289 -9.16 -5.04 -21.83
CA GLN A 289 -7.88 -5.48 -22.41
C GLN A 289 -6.71 -5.28 -21.45
N VAL A 290 -6.71 -4.20 -20.68
CA VAL A 290 -5.69 -4.00 -19.67
C VAL A 290 -5.66 -5.20 -18.71
N ARG A 291 -6.83 -5.66 -18.24
N ARG A 291 -6.82 -5.65 -18.29
CA ARG A 291 -6.85 -6.81 -17.33
CA ARG A 291 -6.95 -6.78 -17.38
C ARG A 291 -6.38 -8.10 -18.02
C ARG A 291 -6.42 -8.08 -18.01
N ILE A 292 -6.71 -8.29 -19.32
CA ILE A 292 -6.22 -9.45 -20.06
C ILE A 292 -4.69 -9.37 -20.17
N GLN A 293 -4.14 -8.16 -20.47
CA GLN A 293 -2.70 -7.97 -20.58
C GLN A 293 -2.01 -8.22 -19.27
N LEU A 294 -2.60 -7.75 -18.17
CA LEU A 294 -2.03 -8.00 -16.85
C LEU A 294 -2.05 -9.48 -16.52
N LYS A 295 -3.18 -10.15 -16.77
CA LYS A 295 -3.27 -11.59 -16.50
C LYS A 295 -2.28 -12.37 -17.36
N ASP A 296 -2.05 -11.96 -18.62
CA ASP A 296 -1.08 -12.63 -19.50
C ASP A 296 0.34 -12.45 -18.93
N HIS A 297 0.66 -11.23 -18.44
CA HIS A 297 1.96 -11.01 -17.82
C HIS A 297 2.08 -11.91 -16.57
N ILE A 298 1.03 -11.97 -15.74
CA ILE A 298 1.02 -12.80 -14.50
C ILE A 298 1.27 -14.28 -14.85
N ASP A 299 0.55 -14.81 -15.84
CA ASP A 299 0.67 -16.20 -16.27
C ASP A 299 2.08 -16.50 -16.80
N ARG A 300 2.64 -15.61 -17.63
CA ARG A 300 4.01 -15.75 -18.18
C ARG A 300 5.08 -15.75 -17.09
N THR A 301 4.95 -14.86 -16.08
CA THR A 301 5.89 -14.72 -14.99
C THR A 301 5.89 -15.97 -14.13
N LYS A 302 4.70 -16.55 -13.88
CA LYS A 302 4.51 -17.77 -13.10
C LYS A 302 5.17 -18.97 -13.81
N LYS A 303 5.08 -19.02 -15.15
CA LYS A 303 5.67 -20.07 -15.97
C LYS A 303 7.20 -19.96 -16.11
N LYS A 304 7.72 -18.72 -16.21
CA LYS A 304 9.15 -18.41 -16.35
C LYS A 304 9.99 -18.85 -15.14
N ARG A 305 9.40 -18.79 -13.92
CA ARG A 305 10.07 -19.20 -12.68
C ARG A 305 10.22 -20.72 -12.59
N GLY A 306 9.16 -21.43 -12.96
CA GLY A 306 9.13 -22.89 -12.95
C GLY A 306 7.96 -23.46 -12.18
C1 EDO B . 10.94 8.02 7.67
O1 EDO B . 12.14 7.53 8.24
C2 EDO B . 9.77 7.90 8.66
O2 EDO B . 9.47 6.53 8.89
MG MG C . -11.10 -6.90 0.54
C1 JWK D . 3.03 -11.37 -1.82
C2 JWK D . 3.37 -10.08 -2.54
C3 JWK D . 1.83 -11.22 -0.87
C7 JWK D . 1.77 -8.71 2.48
C8 JWK D . 2.99 -8.87 1.80
C9 JWK D . 3.07 -9.74 0.76
C10 JWK D . 1.91 -10.39 0.28
C11 JWK D . 1.68 -7.87 3.69
C12 JWK D . 2.71 -6.99 4.06
C13 JWK D . 2.58 -6.25 5.21
C14 JWK D . 0.57 -7.13 5.63
C15 JWK D . 0.58 -7.96 4.53
F JWK D . -0.49 -7.22 6.46
N3 JWK D . 1.52 -6.32 6.02
N2 JWK D . 0.66 -9.31 2.09
O JWK D . 4.20 -11.73 -1.06
C JWK D . 2.80 -12.48 -2.85
C6 JWK D . 0.70 -10.14 1.01
C5 JWK D . -0.50 -10.73 0.53
N1 JWK D . -1.65 -10.40 1.17
N JWK D . -0.52 -11.55 -0.50
C4 JWK D . 0.61 -11.78 -1.19
#